data_5WBR
#
_entry.id   5WBR
#
_cell.length_a   83.190
_cell.length_b   86.160
_cell.length_c   137.970
_cell.angle_alpha   90.000
_cell.angle_beta   90.000
_cell.angle_gamma   90.000
#
_symmetry.space_group_name_H-M   'P 21 21 21'
#
loop_
_entity.id
_entity.type
_entity.pdbx_description
1 polymer Ketohexokinase
2 non-polymer 6-[4-(2-hydroxyethyl)piperazin-1-yl]-2-[(3S)-3-(hydroxymethyl)piperidin-1-yl]-4-(trifluoromethyl)pyridine-3-carbonitrile
3 non-polymer 'SULFATE ION'
4 non-polymer 'CITRIC ACID'
5 non-polymer GLYCEROL
6 water water
#
_entity_poly.entity_id   1
_entity_poly.type   'polypeptide(L)'
_entity_poly.pdbx_seq_one_letter_code
;MGSSHHHHHHSSGLVPRGSQILCVGLVVLDVISLVDKYPKEDSEIRCLSQRWQRGGNASNSCTVLSLLGAPCAFMGSMAP
GHVADFLVADFRRRGVDVSQVAWQSKGDTPSSCCIINNSNGNRTIVLHDTSLPDVSATDFEKVDLTQFKWIHIEGRNASE
QVKMLQRIDAHNTRQPPEQKIRVSVEVEKPREELFQLFGYGDVVFVSKDVAKHLGFQSAEEALRGLYGRVRKGAVLVCAW
AEEGADALGPDGKLLHSDAFPPPRVVDTLGAGDTFNASVIFSLSQGRSVQEALRFGCQVAGKKCGLQGFDGIV
;
_entity_poly.pdbx_strand_id   A,B
#
# COMPACT_ATOMS: atom_id res chain seq x y z
N GLY A 18 -26.88 29.33 -6.91
CA GLY A 18 -26.37 28.18 -6.14
C GLY A 18 -26.93 26.85 -6.60
N SER A 19 -26.11 26.06 -7.33
CA SER A 19 -26.51 24.76 -7.89
C SER A 19 -25.65 23.52 -7.46
N GLN A 20 -24.59 23.76 -6.66
CA GLN A 20 -23.64 22.71 -6.28
C GLN A 20 -23.35 22.63 -4.79
N ILE A 21 -22.88 21.46 -4.33
CA ILE A 21 -22.45 21.28 -2.94
C ILE A 21 -20.93 21.27 -2.96
N LEU A 22 -20.31 22.00 -2.05
CA LEU A 22 -18.86 22.06 -1.99
C LEU A 22 -18.33 21.41 -0.74
N CYS A 23 -17.46 20.42 -0.91
CA CYS A 23 -16.78 19.80 0.24
C CYS A 23 -15.33 20.27 0.25
N VAL A 24 -14.92 20.82 1.38
CA VAL A 24 -13.61 21.38 1.64
C VAL A 24 -12.90 20.48 2.66
N GLY A 25 -11.94 19.70 2.17
CA GLY A 25 -11.15 18.82 3.02
C GLY A 25 -10.03 18.12 2.29
N LEU A 26 -9.71 16.88 2.74
CA LEU A 26 -8.63 16.06 2.21
C LEU A 26 -9.05 15.09 1.16
N VAL A 27 -8.07 14.72 0.32
CA VAL A 27 -8.12 13.71 -0.71
C VAL A 27 -6.80 12.94 -0.47
N VAL A 28 -6.91 11.65 -0.16
CA VAL A 28 -5.81 10.77 0.24
C VAL A 28 -5.92 9.49 -0.59
N LEU A 29 -4.79 8.86 -0.97
CA LEU A 29 -4.85 7.59 -1.70
C LEU A 29 -4.98 6.51 -0.64
N ASP A 30 -6.10 5.78 -0.69
CA ASP A 30 -6.40 4.71 0.25
C ASP A 30 -5.95 3.38 -0.36
N VAL A 31 -4.82 2.88 0.13
CA VAL A 31 -4.20 1.63 -0.31
C VAL A 31 -4.78 0.55 0.61
N ILE A 32 -5.84 -0.14 0.10
CA ILE A 32 -6.67 -1.13 0.81
C ILE A 32 -6.15 -2.57 0.67
N SER A 33 -6.22 -3.32 1.78
CA SER A 33 -5.91 -4.73 1.89
C SER A 33 -7.10 -5.28 2.68
N LEU A 34 -7.81 -6.23 2.07
CA LEU A 34 -8.98 -6.85 2.65
C LEU A 34 -8.56 -8.16 3.30
N VAL A 35 -8.67 -8.23 4.63
CA VAL A 35 -8.26 -9.41 5.44
C VAL A 35 -9.45 -10.23 5.98
N ASP A 36 -9.27 -11.58 6.16
CA ASP A 36 -10.36 -12.38 6.75
C ASP A 36 -10.43 -12.14 8.27
N LYS A 37 -9.28 -11.93 8.92
CA LYS A 37 -9.21 -11.59 10.34
C LYS A 37 -8.12 -10.56 10.56
N TYR A 38 -8.32 -9.66 11.55
CA TYR A 38 -7.37 -8.59 11.87
C TYR A 38 -6.02 -9.16 12.26
N PRO A 39 -4.89 -8.69 11.66
CA PRO A 39 -3.60 -9.29 11.99
C PRO A 39 -3.18 -9.02 13.42
N LYS A 40 -2.52 -10.02 14.01
CA LYS A 40 -1.95 -9.99 15.35
C LYS A 40 -0.54 -9.33 15.21
N GLU A 41 0.00 -8.69 16.28
CA GLU A 41 1.33 -8.08 16.20
C GLU A 41 2.44 -9.11 15.94
N ASP A 42 3.48 -8.71 15.19
CA ASP A 42 4.61 -9.53 14.74
C ASP A 42 4.17 -10.76 13.87
N SER A 43 2.92 -10.75 13.35
CA SER A 43 2.40 -11.83 12.49
C SER A 43 2.56 -11.52 10.99
N GLU A 44 2.59 -12.57 10.17
CA GLU A 44 2.72 -12.49 8.71
C GLU A 44 1.49 -13.18 8.12
N ILE A 45 0.49 -12.40 7.66
CA ILE A 45 -0.75 -13.00 7.16
C ILE A 45 -1.20 -12.38 5.79
N ARG A 46 -1.26 -13.26 4.77
CA ARG A 46 -1.68 -12.96 3.40
C ARG A 46 -3.12 -12.46 3.34
N CYS A 47 -3.36 -11.34 2.62
CA CYS A 47 -4.68 -10.73 2.49
C CYS A 47 -5.56 -11.40 1.43
N LEU A 48 -6.89 -11.24 1.54
CA LEU A 48 -7.85 -11.84 0.62
C LEU A 48 -7.77 -11.16 -0.72
N SER A 49 -7.82 -9.81 -0.71
CA SER A 49 -7.74 -8.96 -1.91
C SER A 49 -7.20 -7.57 -1.57
N GLN A 50 -6.77 -6.82 -2.59
CA GLN A 50 -6.26 -5.47 -2.40
C GLN A 50 -6.73 -4.52 -3.50
N ARG A 51 -6.87 -3.24 -3.16
CA ARG A 51 -7.33 -2.23 -4.12
C ARG A 51 -6.82 -0.84 -3.72
N TRP A 52 -6.88 0.10 -4.68
CA TRP A 52 -6.56 1.51 -4.48
C TRP A 52 -7.91 2.23 -4.50
N GLN A 53 -8.13 3.15 -3.59
CA GLN A 53 -9.39 3.86 -3.49
C GLN A 53 -9.14 5.32 -3.22
N ARG A 54 -9.91 6.21 -3.87
CA ARG A 54 -9.80 7.65 -3.57
C ARG A 54 -10.45 7.88 -2.19
N GLY A 55 -9.66 8.36 -1.26
CA GLY A 55 -10.12 8.60 0.10
C GLY A 55 -10.17 10.06 0.48
N GLY A 56 -9.95 10.34 1.76
CA GLY A 56 -10.07 11.67 2.33
C GLY A 56 -11.52 11.89 2.62
N ASN A 57 -11.86 12.30 3.85
CA ASN A 57 -13.27 12.47 4.27
C ASN A 57 -14.14 13.24 3.28
N ALA A 58 -13.78 14.52 2.99
CA ALA A 58 -14.50 15.39 2.06
C ALA A 58 -14.55 14.83 0.65
N SER A 59 -13.46 14.15 0.21
CA SER A 59 -13.38 13.51 -1.11
C SER A 59 -14.44 12.36 -1.22
N ASN A 60 -14.59 11.58 -0.13
CA ASN A 60 -15.52 10.47 -0.04
C ASN A 60 -16.96 10.95 -0.06
N SER A 61 -17.26 12.05 0.67
CA SER A 61 -18.54 12.73 0.70
C SER A 61 -18.93 13.19 -0.72
N CYS A 62 -17.93 13.61 -1.53
CA CYS A 62 -18.15 14.02 -2.94
C CYS A 62 -18.58 12.83 -3.80
N THR A 63 -18.02 11.63 -3.53
CA THR A 63 -18.37 10.38 -4.24
C THR A 63 -19.83 10.10 -3.98
N VAL A 64 -20.22 10.17 -2.70
CA VAL A 64 -21.56 9.88 -2.20
C VAL A 64 -22.58 10.83 -2.83
N LEU A 65 -22.32 12.17 -2.68
CA LEU A 65 -23.17 13.28 -3.17
C LEU A 65 -23.44 13.10 -4.63
N SER A 66 -22.36 12.79 -5.40
CA SER A 66 -22.40 12.49 -6.82
C SER A 66 -23.34 11.34 -7.11
N LEU A 67 -23.22 10.22 -6.36
CA LEU A 67 -24.05 9.03 -6.56
C LEU A 67 -25.53 9.28 -6.25
N LEU A 68 -25.80 10.21 -5.31
CA LEU A 68 -27.17 10.58 -4.94
C LEU A 68 -27.83 11.43 -6.05
N GLY A 69 -26.99 11.91 -6.98
CA GLY A 69 -27.37 12.73 -8.13
C GLY A 69 -27.18 14.22 -7.92
N ALA A 70 -26.51 14.62 -6.83
CA ALA A 70 -26.27 16.02 -6.50
C ALA A 70 -24.96 16.56 -7.09
N PRO A 71 -25.01 17.59 -7.99
CA PRO A 71 -23.77 18.17 -8.51
C PRO A 71 -22.96 18.76 -7.37
N CYS A 72 -21.65 18.48 -7.37
CA CYS A 72 -20.73 18.84 -6.28
C CYS A 72 -19.33 19.17 -6.76
N ALA A 73 -18.56 19.76 -5.85
CA ALA A 73 -17.20 20.17 -6.11
C ALA A 73 -16.30 19.86 -4.92
N PHE A 74 -15.07 19.44 -5.20
CA PHE A 74 -14.08 19.20 -4.16
C PHE A 74 -13.10 20.37 -4.06
N MET A 75 -12.71 20.72 -2.83
CA MET A 75 -11.70 21.74 -2.56
C MET A 75 -10.70 21.19 -1.58
N GLY A 76 -9.46 21.14 -2.01
CA GLY A 76 -8.35 20.64 -1.21
C GLY A 76 -7.04 20.71 -1.96
N SER A 77 -5.95 20.57 -1.19
CA SER A 77 -4.58 20.56 -1.69
C SER A 77 -4.19 19.23 -2.34
N MET A 78 -3.53 19.32 -3.49
CA MET A 78 -3.04 18.20 -4.30
C MET A 78 -1.65 18.53 -4.88
N ALA A 79 -0.71 17.59 -4.78
CA ALA A 79 0.64 17.74 -5.33
C ALA A 79 0.68 16.98 -6.67
N PRO A 80 1.07 17.64 -7.79
CA PRO A 80 1.05 16.95 -9.08
C PRO A 80 2.06 15.82 -9.17
N GLY A 81 1.57 14.72 -9.74
CA GLY A 81 2.30 13.47 -9.93
C GLY A 81 1.39 12.38 -10.42
N HIS A 82 1.90 11.13 -10.39
CA HIS A 82 1.15 9.96 -10.87
C HIS A 82 -0.01 9.56 -9.93
N VAL A 83 0.14 9.86 -8.60
CA VAL A 83 -0.89 9.59 -7.59
C VAL A 83 -2.09 10.54 -7.83
N ALA A 84 -1.81 11.86 -7.88
CA ALA A 84 -2.82 12.86 -8.18
C ALA A 84 -3.47 12.57 -9.54
N ASP A 85 -2.68 12.05 -10.50
CA ASP A 85 -3.24 11.69 -11.80
C ASP A 85 -4.38 10.65 -11.63
N PHE A 86 -4.16 9.63 -10.75
CA PHE A 86 -5.14 8.58 -10.39
C PHE A 86 -6.36 9.22 -9.72
N LEU A 87 -6.13 10.05 -8.66
CA LEU A 87 -7.13 10.75 -7.86
C LEU A 87 -8.08 11.61 -8.69
N VAL A 88 -7.49 12.39 -9.62
CA VAL A 88 -8.17 13.31 -10.55
C VAL A 88 -8.99 12.49 -11.52
N ALA A 89 -8.46 11.35 -11.97
CA ALA A 89 -9.20 10.51 -12.90
C ALA A 89 -10.42 9.91 -12.20
N ASP A 90 -10.31 9.58 -10.90
CA ASP A 90 -11.41 9.03 -10.12
C ASP A 90 -12.50 10.06 -9.91
N PHE A 91 -12.14 11.27 -9.46
CA PHE A 91 -13.02 12.41 -9.25
C PHE A 91 -13.84 12.72 -10.52
N ARG A 92 -13.19 12.70 -11.68
CA ARG A 92 -13.81 12.99 -12.95
C ARG A 92 -14.80 11.93 -13.40
N ARG A 93 -14.44 10.65 -13.26
CA ARG A 93 -15.28 9.50 -13.60
C ARG A 93 -16.59 9.56 -12.78
N ARG A 94 -16.54 10.30 -11.65
CA ARG A 94 -17.63 10.52 -10.70
C ARG A 94 -18.36 11.85 -10.93
N GLY A 95 -17.77 12.73 -11.72
CA GLY A 95 -18.35 14.04 -12.02
C GLY A 95 -18.12 15.08 -10.93
N VAL A 96 -17.04 14.91 -10.16
CA VAL A 96 -16.71 15.87 -9.11
C VAL A 96 -15.90 17.01 -9.73
N ASP A 97 -16.36 18.25 -9.50
CA ASP A 97 -15.75 19.48 -9.97
C ASP A 97 -14.46 19.75 -9.19
N VAL A 98 -13.32 19.41 -9.84
CA VAL A 98 -11.95 19.55 -9.32
C VAL A 98 -11.39 20.97 -9.49
N SER A 99 -12.10 21.81 -10.29
CA SER A 99 -11.77 23.20 -10.64
C SER A 99 -11.30 24.10 -9.47
N GLN A 100 -11.63 23.71 -8.23
CA GLN A 100 -11.32 24.48 -7.03
C GLN A 100 -10.13 23.93 -6.23
N VAL A 101 -9.42 22.94 -6.81
CA VAL A 101 -8.26 22.32 -6.15
C VAL A 101 -7.05 23.27 -6.08
N ALA A 102 -6.54 23.47 -4.85
CA ALA A 102 -5.37 24.27 -4.51
C ALA A 102 -4.13 23.41 -4.76
N TRP A 103 -3.64 23.37 -6.01
CA TRP A 103 -2.46 22.61 -6.42
C TRP A 103 -1.21 23.14 -5.74
N GLN A 104 -0.48 22.25 -5.05
CA GLN A 104 0.74 22.62 -4.36
C GLN A 104 1.97 22.27 -5.21
N SER A 105 3.08 22.98 -4.97
CA SER A 105 4.34 22.77 -5.69
C SER A 105 5.26 21.88 -4.83
N LYS A 106 5.30 22.18 -3.50
CA LYS A 106 6.06 21.46 -2.49
C LYS A 106 5.15 20.42 -1.82
N GLY A 107 5.74 19.31 -1.38
CA GLY A 107 5.03 18.20 -0.75
C GLY A 107 4.62 17.09 -1.71
N ASP A 108 4.29 15.91 -1.16
CA ASP A 108 3.82 14.73 -1.91
C ASP A 108 2.36 14.46 -1.57
N THR A 109 1.64 13.69 -2.41
CA THR A 109 0.22 13.39 -2.13
C THR A 109 0.13 12.38 -0.94
N PRO A 110 -0.74 12.65 0.08
CA PRO A 110 -0.81 11.73 1.24
C PRO A 110 -1.45 10.40 0.90
N SER A 111 -0.97 9.34 1.54
CA SER A 111 -1.49 8.00 1.37
C SER A 111 -1.67 7.29 2.69
N SER A 112 -2.63 6.36 2.71
CA SER A 112 -3.00 5.56 3.87
C SER A 112 -3.01 4.11 3.51
N CYS A 113 -2.62 3.31 4.49
CA CYS A 113 -2.69 1.86 4.42
C CYS A 113 -3.95 1.52 5.18
N CYS A 114 -4.92 1.00 4.45
CA CYS A 114 -6.23 0.71 5.02
C CYS A 114 -6.45 -0.77 5.05
N ILE A 115 -6.58 -1.32 6.26
CA ILE A 115 -6.85 -2.73 6.51
C ILE A 115 -8.36 -2.85 6.86
N ILE A 116 -9.14 -3.58 6.00
CA ILE A 116 -10.57 -3.80 6.15
C ILE A 116 -10.77 -5.26 6.56
N ASN A 117 -11.31 -5.49 7.77
CA ASN A 117 -11.55 -6.83 8.27
C ASN A 117 -12.86 -7.25 7.65
N ASN A 118 -12.82 -8.20 6.70
CA ASN A 118 -13.98 -8.70 5.94
C ASN A 118 -15.03 -9.40 6.83
N SER A 119 -14.61 -9.91 8.01
CA SER A 119 -15.49 -10.61 8.95
C SER A 119 -16.45 -9.69 9.71
N ASN A 120 -16.03 -8.46 10.05
CA ASN A 120 -16.88 -7.52 10.77
C ASN A 120 -17.05 -6.11 10.10
N GLY A 121 -16.32 -5.89 9.00
CA GLY A 121 -16.30 -4.65 8.25
C GLY A 121 -15.40 -3.57 8.83
N ASN A 122 -14.74 -3.85 10.01
CA ASN A 122 -13.86 -2.93 10.74
C ASN A 122 -12.68 -2.47 9.91
N ARG A 123 -12.45 -1.12 9.89
CA ARG A 123 -11.38 -0.52 9.12
C ARG A 123 -10.37 0.17 10.03
N THR A 124 -9.08 -0.11 9.78
CA THR A 124 -7.94 0.46 10.49
C THR A 124 -7.11 1.23 9.44
N ILE A 125 -6.89 2.54 9.68
CA ILE A 125 -6.18 3.45 8.78
C ILE A 125 -4.87 3.90 9.38
N VAL A 126 -3.77 3.67 8.64
CA VAL A 126 -2.42 4.15 8.96
C VAL A 126 -2.14 5.21 7.91
N LEU A 127 -2.40 6.47 8.29
CA LEU A 127 -2.25 7.62 7.40
C LEU A 127 -0.84 8.16 7.43
N HIS A 128 -0.38 8.62 6.26
CA HIS A 128 0.90 9.26 6.11
C HIS A 128 0.61 10.70 5.72
N ASP A 129 0.85 11.63 6.67
CA ASP A 129 0.69 13.06 6.39
C ASP A 129 2.00 13.56 5.77
N THR A 130 1.87 14.24 4.64
CA THR A 130 2.99 14.58 3.78
C THR A 130 3.48 16.03 3.74
N SER A 131 3.31 16.81 4.84
CA SER A 131 3.76 18.22 4.91
C SER A 131 3.01 19.14 3.95
N LEU A 132 2.28 18.54 2.94
CA LEU A 132 1.45 19.20 1.93
C LEU A 132 0.66 20.27 2.68
N PRO A 133 0.84 21.56 2.28
CA PRO A 133 0.16 22.63 3.02
C PRO A 133 -1.33 22.59 2.74
N ASP A 134 -2.12 22.84 3.77
CA ASP A 134 -3.57 22.83 3.70
C ASP A 134 -4.12 24.02 2.91
N VAL A 135 -5.39 23.92 2.48
CA VAL A 135 -6.14 24.98 1.80
C VAL A 135 -6.26 26.11 2.84
N SER A 136 -5.94 27.34 2.44
CA SER A 136 -5.97 28.48 3.35
C SER A 136 -7.13 29.43 3.07
N ALA A 137 -7.33 30.44 3.96
CA ALA A 137 -8.34 31.49 3.80
C ALA A 137 -8.08 32.25 2.49
N THR A 138 -6.78 32.32 2.11
CA THR A 138 -6.23 32.90 0.88
C THR A 138 -6.77 32.10 -0.34
N ASP A 139 -6.62 30.75 -0.32
CA ASP A 139 -7.06 29.85 -1.39
C ASP A 139 -8.57 29.96 -1.54
N PHE A 140 -9.28 29.96 -0.38
CA PHE A 140 -10.74 30.09 -0.31
C PHE A 140 -11.24 31.43 -0.80
N GLU A 141 -10.51 32.54 -0.53
CA GLU A 141 -10.88 33.89 -0.97
C GLU A 141 -11.12 34.01 -2.48
N LYS A 142 -10.40 33.19 -3.27
CA LYS A 142 -10.47 33.14 -4.74
C LYS A 142 -11.68 32.32 -5.27
N VAL A 143 -12.63 31.92 -4.38
CA VAL A 143 -13.77 31.08 -4.74
C VAL A 143 -15.05 31.87 -5.03
N ASP A 144 -15.72 31.54 -6.17
CA ASP A 144 -16.99 32.13 -6.58
C ASP A 144 -18.12 31.40 -5.83
N LEU A 145 -18.64 32.05 -4.78
CA LEU A 145 -19.68 31.50 -3.91
C LEU A 145 -21.09 31.46 -4.51
N THR A 146 -21.28 31.92 -5.77
CA THR A 146 -22.61 31.95 -6.43
C THR A 146 -23.10 30.61 -7.01
N GLN A 147 -22.16 29.68 -7.31
CA GLN A 147 -22.46 28.35 -7.87
C GLN A 147 -22.85 27.30 -6.80
N PHE A 148 -22.71 27.64 -5.51
CA PHE A 148 -22.95 26.74 -4.37
C PHE A 148 -24.20 26.99 -3.54
N LYS A 149 -24.98 25.91 -3.41
CA LYS A 149 -26.22 25.66 -2.67
C LYS A 149 -25.87 25.40 -1.19
N TRP A 150 -24.75 24.68 -0.97
CA TRP A 150 -24.22 24.19 0.30
C TRP A 150 -22.67 24.15 0.30
N ILE A 151 -22.04 24.40 1.47
CA ILE A 151 -20.59 24.28 1.68
C ILE A 151 -20.36 23.45 2.94
N HIS A 152 -19.68 22.30 2.78
CA HIS A 152 -19.27 21.41 3.87
C HIS A 152 -17.75 21.54 4.07
N ILE A 153 -17.32 21.82 5.31
CA ILE A 153 -15.90 21.92 5.63
C ILE A 153 -15.52 20.78 6.60
N GLU A 154 -14.55 19.96 6.20
CA GLU A 154 -13.98 18.87 7.00
C GLU A 154 -12.89 19.51 7.89
N GLY A 155 -13.11 19.51 9.20
CA GLY A 155 -12.22 20.12 10.20
C GLY A 155 -10.77 19.67 10.23
N ARG A 156 -9.85 20.49 9.67
CA ARG A 156 -8.41 20.23 9.69
C ARG A 156 -7.59 21.38 10.36
N ASN A 157 -7.35 22.48 9.62
CA ASN A 157 -6.65 23.71 10.03
C ASN A 157 -7.72 24.72 10.51
N ALA A 158 -8.18 24.54 11.77
CA ALA A 158 -9.28 25.29 12.38
C ALA A 158 -9.21 26.80 12.23
N SER A 159 -8.19 27.49 12.80
CA SER A 159 -8.00 28.95 12.74
C SER A 159 -8.19 29.54 11.33
N GLU A 160 -7.61 28.85 10.32
CA GLU A 160 -7.66 29.19 8.89
C GLU A 160 -9.04 28.93 8.26
N GLN A 161 -9.72 27.84 8.68
CA GLN A 161 -11.06 27.44 8.22
C GLN A 161 -12.10 28.35 8.82
N VAL A 162 -11.86 28.84 10.06
CA VAL A 162 -12.72 29.77 10.81
C VAL A 162 -12.84 31.09 10.02
N LYS A 163 -11.72 31.51 9.39
CA LYS A 163 -11.65 32.68 8.51
C LYS A 163 -12.51 32.41 7.25
N MET A 164 -12.46 31.17 6.71
CA MET A 164 -13.24 30.75 5.54
C MET A 164 -14.74 30.77 5.86
N LEU A 165 -15.10 30.45 7.12
CA LEU A 165 -16.48 30.40 7.60
C LEU A 165 -17.09 31.80 7.65
N GLN A 166 -16.33 32.75 8.24
CA GLN A 166 -16.63 34.18 8.36
C GLN A 166 -16.89 34.79 6.98
N ARG A 167 -16.10 34.35 5.95
CA ARG A 167 -16.24 34.77 4.55
C ARG A 167 -17.59 34.29 3.97
N ILE A 168 -18.06 33.08 4.38
CA ILE A 168 -19.36 32.60 3.90
C ILE A 168 -20.47 33.37 4.64
N ASP A 169 -20.35 33.53 5.97
CA ASP A 169 -21.30 34.28 6.82
C ASP A 169 -21.51 35.70 6.30
N ALA A 170 -20.40 36.42 5.98
CA ALA A 170 -20.42 37.77 5.43
C ALA A 170 -21.20 37.82 4.10
N HIS A 171 -20.99 36.81 3.20
CA HIS A 171 -21.67 36.67 1.91
C HIS A 171 -23.18 36.52 2.12
N ASN A 172 -23.57 35.68 3.10
CA ASN A 172 -24.96 35.37 3.50
C ASN A 172 -25.71 36.62 3.95
N THR A 173 -25.08 37.44 4.84
CA THR A 173 -25.65 38.70 5.35
C THR A 173 -25.99 39.65 4.20
N ARG A 174 -25.12 39.72 3.16
CA ARG A 174 -25.35 40.55 1.97
C ARG A 174 -26.21 39.82 0.90
N GLN A 175 -27.01 38.80 1.30
CA GLN A 175 -27.84 38.01 0.37
C GLN A 175 -29.27 37.77 0.90
N PRO A 176 -30.31 37.63 0.02
CA PRO A 176 -31.68 37.35 0.53
C PRO A 176 -31.79 35.95 1.14
N PRO A 177 -32.79 35.63 2.03
CA PRO A 177 -32.88 34.25 2.56
C PRO A 177 -33.09 33.21 1.45
N GLU A 178 -33.68 33.68 0.33
CA GLU A 178 -33.96 32.93 -0.90
C GLU A 178 -32.68 32.39 -1.58
N GLN A 179 -31.52 33.05 -1.36
CA GLN A 179 -30.26 32.65 -2.00
C GLN A 179 -29.08 32.36 -1.01
N LYS A 180 -29.38 32.12 0.30
CA LYS A 180 -28.35 31.85 1.30
C LYS A 180 -27.67 30.48 1.15
N ILE A 181 -26.35 30.43 1.46
CA ILE A 181 -25.53 29.21 1.41
C ILE A 181 -25.62 28.49 2.76
N ARG A 182 -26.11 27.24 2.74
CA ARG A 182 -26.19 26.42 3.94
C ARG A 182 -24.80 25.87 4.16
N VAL A 183 -24.35 25.90 5.41
CA VAL A 183 -23.01 25.45 5.75
C VAL A 183 -23.03 24.30 6.75
N SER A 184 -22.15 23.30 6.53
CA SER A 184 -21.99 22.17 7.44
C SER A 184 -20.51 21.94 7.76
N VAL A 185 -20.25 21.60 9.01
CA VAL A 185 -18.92 21.37 9.59
C VAL A 185 -18.80 19.92 10.09
N GLU A 186 -17.57 19.34 10.03
CA GLU A 186 -17.28 18.02 10.57
C GLU A 186 -16.13 18.10 11.56
N VAL A 187 -16.35 17.66 12.80
CA VAL A 187 -15.33 17.60 13.85
C VAL A 187 -15.10 16.09 14.17
N GLU A 188 -14.30 15.39 13.33
CA GLU A 188 -14.04 13.94 13.46
C GLU A 188 -12.84 13.61 14.38
N LYS A 189 -11.76 14.39 14.31
CA LYS A 189 -10.57 14.13 15.12
C LYS A 189 -10.65 14.80 16.49
N PRO A 190 -10.29 14.07 17.58
CA PRO A 190 -10.35 14.67 18.92
C PRO A 190 -9.21 15.69 19.16
N ARG A 191 -9.36 16.90 18.58
CA ARG A 191 -8.35 17.96 18.62
C ARG A 191 -8.93 19.30 19.09
N GLU A 192 -8.32 19.90 20.13
CA GLU A 192 -8.73 21.16 20.73
C GLU A 192 -8.85 22.32 19.75
N GLU A 193 -7.92 22.38 18.74
CA GLU A 193 -7.88 23.41 17.69
C GLU A 193 -9.25 23.44 17.01
N LEU A 194 -9.79 22.23 16.70
CA LEU A 194 -11.05 22.00 15.99
C LEU A 194 -12.33 22.37 16.76
N PHE A 195 -12.29 22.41 18.11
CA PHE A 195 -13.47 22.71 18.93
C PHE A 195 -14.02 24.13 18.76
N GLN A 196 -13.28 24.97 18.05
CA GLN A 196 -13.70 26.34 17.74
C GLN A 196 -14.70 26.36 16.56
N LEU A 197 -14.70 25.28 15.74
CA LEU A 197 -15.56 25.12 14.56
C LEU A 197 -17.00 24.65 14.95
N PHE A 198 -17.25 24.46 16.26
CA PHE A 198 -18.46 23.89 16.84
C PHE A 198 -19.83 24.64 16.66
N GLY A 199 -19.98 25.95 16.76
CA GLY A 199 -19.04 27.05 16.71
C GLY A 199 -19.64 27.88 15.58
N TYR A 200 -19.51 27.33 14.37
CA TYR A 200 -20.02 27.86 13.11
C TYR A 200 -20.76 26.75 12.36
N GLY A 201 -21.49 27.15 11.32
CA GLY A 201 -22.25 26.22 10.49
C GLY A 201 -23.65 25.94 11.01
N ASP A 202 -24.59 25.76 10.05
CA ASP A 202 -26.00 25.43 10.24
C ASP A 202 -26.15 23.99 10.76
N VAL A 203 -25.20 23.08 10.38
CA VAL A 203 -25.18 21.67 10.78
C VAL A 203 -23.77 21.33 11.25
N VAL A 204 -23.67 20.61 12.39
CA VAL A 204 -22.38 20.22 13.00
C VAL A 204 -22.30 18.72 13.27
N PHE A 205 -21.46 18.00 12.52
CA PHE A 205 -21.25 16.57 12.71
C PHE A 205 -20.13 16.36 13.70
N VAL A 206 -20.44 15.76 14.87
CA VAL A 206 -19.47 15.42 15.91
C VAL A 206 -19.34 13.90 16.00
N SER A 207 -18.12 13.39 15.87
CA SER A 207 -17.90 11.96 15.92
C SER A 207 -18.07 11.37 17.32
N LYS A 208 -18.22 10.03 17.37
CA LYS A 208 -18.36 9.22 18.57
C LYS A 208 -17.04 9.32 19.34
N ASP A 209 -15.87 9.30 18.62
CA ASP A 209 -14.50 9.38 19.17
C ASP A 209 -14.25 10.73 19.84
N VAL A 210 -14.77 11.84 19.27
CA VAL A 210 -14.65 13.18 19.86
C VAL A 210 -15.47 13.19 21.15
N ALA A 211 -16.74 12.77 21.04
CA ALA A 211 -17.72 12.67 22.12
C ALA A 211 -17.23 11.81 23.29
N LYS A 212 -16.60 10.65 22.99
CA LYS A 212 -16.08 9.77 24.02
C LYS A 212 -14.90 10.45 24.74
N HIS A 213 -14.00 11.14 23.99
CA HIS A 213 -12.86 11.88 24.52
C HIS A 213 -13.27 13.04 25.45
N LEU A 214 -14.46 13.64 25.22
CA LEU A 214 -14.98 14.74 26.05
C LEU A 214 -15.80 14.23 27.27
N GLY A 215 -15.95 12.90 27.39
CA GLY A 215 -16.62 12.26 28.52
C GLY A 215 -18.06 11.78 28.35
N PHE A 216 -18.48 11.57 27.10
CA PHE A 216 -19.85 11.13 26.81
C PHE A 216 -19.91 9.68 26.39
N GLN A 217 -20.93 8.98 26.90
CA GLN A 217 -21.15 7.53 26.71
C GLN A 217 -22.23 7.18 25.67
N SER A 218 -22.97 8.19 25.19
CA SER A 218 -24.06 8.03 24.23
C SER A 218 -24.17 9.22 23.31
N ALA A 219 -24.84 9.03 22.14
CA ALA A 219 -25.10 10.08 21.16
C ALA A 219 -25.98 11.17 21.76
N GLU A 220 -27.00 10.79 22.59
CA GLU A 220 -27.89 11.75 23.27
C GLU A 220 -27.18 12.57 24.37
N GLU A 221 -26.26 11.93 25.11
CA GLU A 221 -25.49 12.54 26.20
C GLU A 221 -24.63 13.63 25.62
N ALA A 222 -23.89 13.28 24.56
CA ALA A 222 -23.00 14.15 23.80
C ALA A 222 -23.72 15.36 23.30
N LEU A 223 -24.90 15.15 22.67
CA LEU A 223 -25.73 16.18 22.09
C LEU A 223 -26.17 17.24 23.09
N ARG A 224 -26.71 16.78 24.23
CA ARG A 224 -27.16 17.67 25.30
C ARG A 224 -25.98 18.43 25.90
N GLY A 225 -24.85 17.75 26.04
CA GLY A 225 -23.61 18.29 26.59
C GLY A 225 -22.83 19.24 25.71
N LEU A 226 -23.00 19.13 24.37
CA LEU A 226 -22.27 19.98 23.43
C LEU A 226 -23.14 21.00 22.68
N TYR A 227 -24.48 21.06 22.92
CA TYR A 227 -25.32 22.02 22.18
C TYR A 227 -25.04 23.49 22.54
N GLY A 228 -24.47 23.73 23.72
CA GLY A 228 -24.09 25.08 24.13
C GLY A 228 -23.04 25.68 23.20
N ARG A 229 -22.15 24.82 22.66
CA ARG A 229 -21.03 25.17 21.78
C ARG A 229 -21.44 25.62 20.39
N VAL A 230 -22.58 25.17 19.87
CA VAL A 230 -23.00 25.44 18.50
C VAL A 230 -23.54 26.85 18.28
N ARG A 231 -23.49 27.29 17.02
CA ARG A 231 -24.00 28.57 16.51
C ARG A 231 -25.52 28.59 16.74
N LYS A 232 -26.11 29.77 17.03
CA LYS A 232 -27.55 29.90 17.28
C LYS A 232 -28.34 29.48 16.02
N GLY A 233 -29.25 28.51 16.19
CA GLY A 233 -30.11 27.97 15.12
C GLY A 233 -29.57 26.75 14.38
N ALA A 234 -28.43 26.22 14.85
CA ALA A 234 -27.74 25.08 14.26
C ALA A 234 -28.26 23.71 14.72
N VAL A 235 -27.99 22.68 13.93
CA VAL A 235 -28.34 21.30 14.24
C VAL A 235 -27.04 20.52 14.53
N LEU A 236 -26.87 20.06 15.75
CA LEU A 236 -25.70 19.25 16.07
C LEU A 236 -26.11 17.78 15.87
N VAL A 237 -25.36 17.06 15.02
CA VAL A 237 -25.60 15.66 14.69
C VAL A 237 -24.45 14.78 15.18
N CYS A 238 -24.79 13.64 15.81
CA CYS A 238 -23.83 12.66 16.28
C CYS A 238 -24.27 11.24 15.94
N ALA A 239 -23.54 10.61 15.04
CA ALA A 239 -23.78 9.21 14.69
C ALA A 239 -23.04 8.36 15.74
N TRP A 240 -23.46 7.08 15.95
CA TRP A 240 -22.86 6.24 16.98
C TRP A 240 -22.82 4.75 16.58
N ALA A 241 -22.11 4.46 15.47
CA ALA A 241 -21.91 3.12 14.91
C ALA A 241 -23.26 2.42 14.71
N GLU A 242 -23.36 1.18 15.21
CA GLU A 242 -24.54 0.30 15.17
C GLU A 242 -25.77 0.88 15.89
N GLU A 243 -25.57 1.90 16.73
CA GLU A 243 -26.63 2.57 17.49
C GLU A 243 -27.30 3.70 16.70
N GLY A 244 -27.12 3.70 15.38
CA GLY A 244 -27.68 4.71 14.51
C GLY A 244 -27.12 6.10 14.73
N ALA A 245 -27.97 7.12 14.72
CA ALA A 245 -27.54 8.50 14.90
C ALA A 245 -28.64 9.31 15.55
N ASP A 246 -28.26 10.45 16.15
CA ASP A 246 -29.15 11.37 16.86
C ASP A 246 -28.87 12.81 16.44
N ALA A 247 -29.89 13.65 16.41
CA ALA A 247 -29.72 15.05 16.05
C ALA A 247 -30.40 15.95 17.08
N LEU A 248 -29.84 17.15 17.32
CA LEU A 248 -30.36 18.14 18.26
C LEU A 248 -30.44 19.50 17.61
N GLY A 249 -31.66 20.01 17.53
CA GLY A 249 -31.94 21.30 16.90
C GLY A 249 -32.27 22.36 17.93
N PRO A 250 -32.58 23.59 17.45
CA PRO A 250 -32.90 24.69 18.38
C PRO A 250 -34.09 24.42 19.28
N ASP A 251 -35.11 23.67 18.76
CA ASP A 251 -36.38 23.32 19.44
C ASP A 251 -36.19 22.57 20.76
N GLY A 252 -34.99 22.05 21.01
CA GLY A 252 -34.67 21.35 22.24
C GLY A 252 -34.95 19.87 22.17
N LYS A 253 -35.78 19.47 21.18
CA LYS A 253 -36.17 18.07 20.94
C LYS A 253 -35.01 17.27 20.38
N LEU A 254 -34.77 16.12 20.98
CA LEU A 254 -33.78 15.17 20.52
C LEU A 254 -34.44 14.34 19.43
N LEU A 255 -33.69 14.08 18.35
CA LEU A 255 -34.18 13.24 17.26
C LEU A 255 -33.29 12.01 17.19
N HIS A 256 -33.86 10.82 16.91
CA HIS A 256 -33.09 9.57 16.79
C HIS A 256 -33.41 8.74 15.53
N SER A 257 -32.38 8.12 14.95
CA SER A 257 -32.54 7.21 13.85
C SER A 257 -31.86 5.88 14.16
N ASP A 258 -32.60 4.78 14.07
CA ASP A 258 -31.99 3.48 14.27
C ASP A 258 -31.12 3.27 13.05
N ALA A 259 -30.05 2.48 13.21
CA ALA A 259 -29.16 2.18 12.09
C ALA A 259 -29.85 1.22 11.10
N PHE A 260 -29.35 1.12 9.87
CA PHE A 260 -29.89 0.14 8.90
C PHE A 260 -28.73 -0.87 8.62
N PRO A 261 -28.29 -1.70 9.60
CA PRO A 261 -27.16 -2.59 9.36
C PRO A 261 -27.37 -3.60 8.25
N PRO A 262 -26.33 -3.94 7.47
CA PRO A 262 -26.50 -5.02 6.48
C PRO A 262 -26.42 -6.36 7.22
N PRO A 263 -27.00 -7.48 6.73
CA PRO A 263 -26.85 -8.74 7.47
C PRO A 263 -25.38 -9.09 7.70
N ARG A 264 -24.52 -8.87 6.65
CA ARG A 264 -23.07 -9.06 6.69
C ARG A 264 -22.37 -7.70 6.46
N VAL A 265 -21.75 -7.12 7.51
CA VAL A 265 -20.99 -5.89 7.46
C VAL A 265 -19.56 -6.26 6.94
N VAL A 266 -19.23 -5.88 5.67
CA VAL A 266 -17.98 -6.24 4.98
C VAL A 266 -16.98 -5.03 4.78
N ASP A 267 -17.46 -3.75 4.81
CA ASP A 267 -16.60 -2.56 4.65
C ASP A 267 -17.17 -1.21 5.28
N THR A 268 -16.60 -0.75 6.42
CA THR A 268 -17.01 0.51 7.05
C THR A 268 -16.14 1.73 6.66
N LEU A 269 -15.11 1.52 5.81
CA LEU A 269 -14.26 2.62 5.35
C LEU A 269 -15.10 3.57 4.49
N GLY A 270 -15.37 4.75 5.05
CA GLY A 270 -16.14 5.80 4.40
C GLY A 270 -17.60 5.86 4.78
N ALA A 271 -18.04 5.01 5.73
CA ALA A 271 -19.40 4.96 6.25
C ALA A 271 -19.85 6.32 6.83
N GLY A 272 -18.97 6.96 7.61
CA GLY A 272 -19.20 8.28 8.20
C GLY A 272 -19.32 9.35 7.14
N ASP A 273 -18.42 9.29 6.16
CA ASP A 273 -18.37 10.19 5.02
C ASP A 273 -19.65 10.01 4.19
N THR A 274 -20.21 8.78 4.14
CA THR A 274 -21.48 8.41 3.48
C THR A 274 -22.66 8.96 4.33
N PHE A 275 -22.56 8.86 5.66
CA PHE A 275 -23.57 9.38 6.58
C PHE A 275 -23.69 10.90 6.38
N ASN A 276 -22.55 11.62 6.50
CA ASN A 276 -22.43 13.07 6.36
C ASN A 276 -23.06 13.55 5.07
N ALA A 277 -22.63 12.98 3.94
CA ALA A 277 -23.10 13.34 2.63
C ALA A 277 -24.58 13.15 2.48
N SER A 278 -25.09 12.00 2.93
CA SER A 278 -26.52 11.69 2.88
C SER A 278 -27.36 12.65 3.72
N VAL A 279 -26.86 13.05 4.91
CA VAL A 279 -27.55 14.03 5.74
C VAL A 279 -27.62 15.39 5.01
N ILE A 280 -26.47 15.85 4.50
CA ILE A 280 -26.30 17.09 3.74
C ILE A 280 -27.25 17.10 2.55
N PHE A 281 -27.30 16.00 1.79
CA PHE A 281 -28.15 15.86 0.62
C PHE A 281 -29.65 15.98 0.95
N SER A 282 -30.12 15.22 1.95
CA SER A 282 -31.54 15.26 2.33
C SER A 282 -31.95 16.64 2.83
N LEU A 283 -31.07 17.32 3.57
CA LEU A 283 -31.33 18.67 4.03
C LEU A 283 -31.36 19.64 2.81
N SER A 284 -30.33 19.54 1.90
CA SER A 284 -30.20 20.30 0.64
C SER A 284 -31.45 20.11 -0.25
N GLN A 285 -32.14 18.96 -0.11
CA GLN A 285 -33.37 18.65 -0.84
C GLN A 285 -34.63 19.18 -0.13
N GLY A 286 -34.45 19.82 1.03
CA GLY A 286 -35.52 20.41 1.82
C GLY A 286 -36.35 19.47 2.68
N ARG A 287 -35.77 18.33 3.09
CA ARG A 287 -36.45 17.34 3.92
C ARG A 287 -36.20 17.66 5.38
N SER A 288 -37.03 17.14 6.29
CA SER A 288 -36.87 17.38 7.73
C SER A 288 -35.57 16.77 8.28
N VAL A 289 -35.16 17.22 9.46
CA VAL A 289 -33.97 16.72 10.13
C VAL A 289 -34.20 15.27 10.53
N GLN A 290 -35.45 14.93 10.95
CA GLN A 290 -35.77 13.54 11.29
C GLN A 290 -35.61 12.64 10.08
N GLU A 291 -36.05 13.10 8.88
CA GLU A 291 -35.95 12.36 7.62
C GLU A 291 -34.50 12.28 7.14
N ALA A 292 -33.72 13.38 7.25
CA ALA A 292 -32.33 13.44 6.82
C ALA A 292 -31.44 12.48 7.62
N LEU A 293 -31.60 12.48 8.98
CA LEU A 293 -30.92 11.64 9.96
C LEU A 293 -31.06 10.19 9.54
N ARG A 294 -32.29 9.84 9.23
CA ARG A 294 -32.81 8.53 8.85
C ARG A 294 -32.22 8.06 7.51
N PHE A 295 -32.13 8.98 6.53
CA PHE A 295 -31.57 8.74 5.19
C PHE A 295 -30.06 8.56 5.29
N GLY A 296 -29.44 9.30 6.19
CA GLY A 296 -28.02 9.18 6.47
C GLY A 296 -27.70 7.79 6.97
N CYS A 297 -28.44 7.31 7.96
CA CYS A 297 -28.27 5.97 8.51
C CYS A 297 -28.60 4.93 7.43
N GLN A 298 -29.57 5.25 6.56
CA GLN A 298 -30.03 4.38 5.51
C GLN A 298 -28.99 4.05 4.49
N VAL A 299 -28.41 5.11 3.91
CA VAL A 299 -27.39 5.05 2.87
C VAL A 299 -26.05 4.58 3.46
N ALA A 300 -25.67 5.06 4.67
CA ALA A 300 -24.45 4.60 5.35
C ALA A 300 -24.47 3.08 5.61
N GLY A 301 -25.64 2.54 5.98
CA GLY A 301 -25.86 1.12 6.25
C GLY A 301 -25.74 0.26 5.00
N LYS A 302 -26.24 0.76 3.86
CA LYS A 302 -26.14 0.07 2.56
C LYS A 302 -24.68 -0.09 2.15
N LYS A 303 -23.85 0.94 2.42
CA LYS A 303 -22.43 1.02 2.11
C LYS A 303 -21.64 -0.07 2.85
N CYS A 304 -21.94 -0.28 4.15
CA CYS A 304 -21.28 -1.24 5.03
C CYS A 304 -21.40 -2.69 4.59
N GLY A 305 -22.30 -2.94 3.65
CA GLY A 305 -22.55 -4.25 3.11
C GLY A 305 -21.88 -4.44 1.78
N LEU A 306 -21.28 -3.38 1.25
CA LEU A 306 -20.60 -3.38 -0.04
C LEU A 306 -19.10 -2.99 0.11
N GLN A 307 -18.31 -3.37 -0.89
CA GLN A 307 -16.91 -2.95 -0.94
C GLN A 307 -16.87 -1.64 -1.75
N GLY A 308 -16.32 -0.60 -1.14
CA GLY A 308 -16.27 0.72 -1.77
C GLY A 308 -17.60 1.43 -1.74
N PHE A 309 -17.95 2.17 -2.82
CA PHE A 309 -19.16 2.99 -2.85
C PHE A 309 -20.17 2.63 -3.96
N ASP A 310 -19.76 1.81 -4.92
CA ASP A 310 -20.66 1.40 -5.98
C ASP A 310 -21.80 0.49 -5.54
N GLY A 311 -23.01 0.93 -5.84
CA GLY A 311 -24.23 0.17 -5.55
C GLY A 311 -25.00 0.62 -4.33
N ILE A 312 -24.68 1.84 -3.81
CA ILE A 312 -25.35 2.40 -2.64
C ILE A 312 -26.77 2.90 -3.02
N VAL A 313 -27.02 3.18 -4.33
CA VAL A 313 -28.33 3.60 -4.90
C VAL A 313 -28.42 3.24 -6.37
N GLY B 13 15.20 -2.33 -27.72
CA GLY B 13 16.47 -2.23 -28.44
C GLY B 13 17.24 -3.53 -28.63
N LEU B 14 18.30 -3.47 -29.45
CA LEU B 14 19.24 -4.56 -29.81
C LEU B 14 20.10 -4.92 -28.59
N VAL B 15 19.74 -6.02 -27.90
CA VAL B 15 20.55 -6.49 -26.77
C VAL B 15 21.64 -7.38 -27.37
N PRO B 16 22.96 -7.13 -27.18
CA PRO B 16 23.95 -8.08 -27.76
C PRO B 16 23.78 -9.52 -27.24
N ARG B 17 24.01 -10.49 -28.12
CA ARG B 17 23.89 -11.93 -27.82
C ARG B 17 24.76 -12.31 -26.62
N GLY B 18 24.20 -13.04 -25.68
CA GLY B 18 24.88 -13.58 -24.50
C GLY B 18 25.56 -12.57 -23.62
N SER B 19 24.81 -11.48 -23.32
CA SER B 19 25.29 -10.36 -22.52
C SER B 19 24.56 -10.17 -21.19
N GLN B 20 23.30 -10.61 -21.12
CA GLN B 20 22.43 -10.38 -19.98
C GLN B 20 22.32 -11.50 -18.95
N ILE B 21 22.01 -11.11 -17.71
CA ILE B 21 21.76 -12.01 -16.59
C ILE B 21 20.28 -11.86 -16.32
N LEU B 22 19.55 -12.97 -16.39
CA LEU B 22 18.11 -12.90 -16.19
C LEU B 22 17.77 -13.41 -14.85
N CYS B 23 16.81 -12.80 -14.17
CA CYS B 23 16.33 -13.29 -12.89
C CYS B 23 14.84 -13.44 -13.02
N VAL B 24 14.34 -14.67 -12.73
CA VAL B 24 12.92 -15.06 -12.82
C VAL B 24 12.34 -15.20 -11.42
N GLY B 25 11.32 -14.40 -11.11
CA GLY B 25 10.68 -14.46 -9.80
C GLY B 25 9.72 -13.33 -9.50
N LEU B 26 9.60 -13.04 -8.20
CA LEU B 26 8.69 -12.04 -7.63
C LEU B 26 9.19 -10.61 -7.62
N VAL B 27 8.27 -9.71 -7.94
CA VAL B 27 8.33 -8.27 -7.79
C VAL B 27 7.05 -7.91 -7.06
N VAL B 28 7.20 -7.18 -5.97
CA VAL B 28 6.12 -6.72 -5.07
C VAL B 28 6.39 -5.22 -4.69
N LEU B 29 5.32 -4.46 -4.43
CA LEU B 29 5.44 -3.08 -3.97
C LEU B 29 5.23 -3.18 -2.46
N ASP B 30 6.29 -2.94 -1.68
CA ASP B 30 6.19 -2.98 -0.23
C ASP B 30 5.96 -1.58 0.31
N VAL B 31 4.83 -1.39 0.99
CA VAL B 31 4.49 -0.13 1.62
C VAL B 31 4.88 -0.38 3.08
N ILE B 32 5.85 0.41 3.60
CA ILE B 32 6.38 0.29 4.96
C ILE B 32 6.01 1.55 5.73
N SER B 33 5.39 1.38 6.91
CA SER B 33 4.98 2.49 7.77
C SER B 33 5.55 2.26 9.14
N LEU B 34 6.29 3.26 9.64
CA LEU B 34 6.87 3.20 10.98
C LEU B 34 5.91 3.93 11.90
N VAL B 35 5.48 3.25 12.98
CA VAL B 35 4.50 3.79 13.95
C VAL B 35 5.02 3.82 15.40
N ASP B 36 4.50 4.75 16.25
CA ASP B 36 4.83 4.85 17.69
C ASP B 36 4.42 3.54 18.40
N LYS B 37 3.13 3.18 18.27
CA LYS B 37 2.51 1.98 18.82
C LYS B 37 1.68 1.24 17.76
N TYR B 38 1.53 -0.10 17.92
CA TYR B 38 0.76 -0.95 17.01
C TYR B 38 -0.71 -0.52 16.99
N PRO B 39 -1.31 -0.27 15.79
CA PRO B 39 -2.70 0.21 15.75
C PRO B 39 -3.71 -0.85 16.12
N LYS B 40 -4.68 -0.46 16.93
CA LYS B 40 -5.75 -1.35 17.38
C LYS B 40 -6.91 -1.22 16.40
N GLU B 41 -7.52 -2.37 16.07
CA GLU B 41 -8.62 -2.51 15.13
C GLU B 41 -9.69 -1.44 15.26
N ASP B 42 -10.06 -0.87 14.10
CA ASP B 42 -11.05 0.19 13.85
C ASP B 42 -10.48 1.61 14.18
N SER B 43 -9.16 1.75 14.41
CA SER B 43 -8.62 3.09 14.69
C SER B 43 -7.90 3.76 13.49
N GLU B 44 -7.87 5.10 13.51
CA GLU B 44 -7.21 5.94 12.51
C GLU B 44 -5.98 6.52 13.20
N ILE B 45 -4.80 6.14 12.71
CA ILE B 45 -3.52 6.62 13.25
C ILE B 45 -2.70 7.31 12.15
N ARG B 46 -1.61 7.98 12.56
CA ARG B 46 -0.69 8.66 11.67
C ARG B 46 0.67 8.04 11.90
N CYS B 47 1.32 7.63 10.81
CA CYS B 47 2.65 7.02 10.90
C CYS B 47 3.72 8.11 11.00
N LEU B 48 4.86 7.75 11.61
CA LEU B 48 6.06 8.59 11.72
C LEU B 48 6.64 8.75 10.30
N SER B 49 6.92 7.62 9.63
CA SER B 49 7.42 7.58 8.25
C SER B 49 6.70 6.54 7.39
N GLN B 50 6.80 6.69 6.06
CA GLN B 50 6.18 5.79 5.09
C GLN B 50 6.98 5.73 3.79
N ARG B 51 7.38 4.50 3.44
CA ARG B 51 8.19 4.16 2.27
C ARG B 51 7.44 3.24 1.31
N TRP B 52 7.64 3.44 0.00
CA TRP B 52 7.15 2.58 -1.07
C TRP B 52 8.42 2.06 -1.72
N GLN B 53 8.67 0.76 -1.52
CA GLN B 53 9.83 0.02 -2.01
C GLN B 53 9.47 -1.02 -3.05
N ARG B 54 10.45 -1.42 -3.85
CA ARG B 54 10.28 -2.46 -4.82
C ARG B 54 10.97 -3.64 -4.20
N GLY B 55 10.18 -4.65 -3.80
CA GLY B 55 10.63 -5.88 -3.17
C GLY B 55 10.61 -7.07 -4.12
N GLY B 56 11.00 -8.23 -3.58
CA GLY B 56 11.12 -9.49 -4.31
C GLY B 56 12.56 -9.95 -4.49
N ASN B 57 12.80 -11.28 -4.44
CA ASN B 57 14.15 -11.82 -4.56
C ASN B 57 14.78 -11.58 -5.92
N ALA B 58 14.12 -12.04 -7.00
CA ALA B 58 14.60 -11.81 -8.37
C ALA B 58 14.70 -10.30 -8.66
N SER B 59 13.80 -9.49 -8.08
CA SER B 59 13.75 -8.04 -8.23
C SER B 59 14.98 -7.39 -7.57
N ASN B 60 15.30 -7.80 -6.32
CA ASN B 60 16.42 -7.23 -5.58
C ASN B 60 17.75 -7.64 -6.16
N SER B 61 17.88 -8.91 -6.56
CA SER B 61 19.09 -9.44 -7.24
C SER B 61 19.32 -8.64 -8.51
N CYS B 62 18.26 -8.24 -9.24
CA CYS B 62 18.39 -7.40 -10.46
C CYS B 62 18.99 -6.03 -10.16
N THR B 63 18.49 -5.32 -9.13
CA THR B 63 19.05 -4.01 -8.70
C THR B 63 20.58 -4.13 -8.53
N VAL B 64 21.01 -5.10 -7.66
CA VAL B 64 22.40 -5.43 -7.29
C VAL B 64 23.22 -5.72 -8.56
N LEU B 65 22.73 -6.60 -9.46
CA LEU B 65 23.45 -6.90 -10.71
C LEU B 65 23.66 -5.66 -11.53
N SER B 66 22.71 -4.72 -11.52
CA SER B 66 22.90 -3.44 -12.26
C SER B 66 24.03 -2.66 -11.65
N LEU B 67 23.98 -2.41 -10.33
CA LEU B 67 25.04 -1.71 -9.58
C LEU B 67 26.42 -2.38 -9.71
N LEU B 68 26.44 -3.71 -9.94
CA LEU B 68 27.67 -4.48 -10.13
C LEU B 68 28.30 -4.29 -11.52
N GLY B 69 27.54 -3.68 -12.43
CA GLY B 69 27.96 -3.35 -13.79
C GLY B 69 27.51 -4.40 -14.77
N ALA B 70 26.40 -5.09 -14.47
CA ALA B 70 25.94 -6.16 -15.36
C ALA B 70 24.67 -5.86 -16.12
N PRO B 71 24.63 -6.15 -17.45
CA PRO B 71 23.36 -6.00 -18.19
C PRO B 71 22.40 -7.02 -17.59
N CYS B 72 21.23 -6.56 -17.09
CA CYS B 72 20.30 -7.51 -16.49
C CYS B 72 18.88 -7.24 -16.83
N ALA B 73 18.12 -8.32 -16.90
CA ALA B 73 16.72 -8.39 -17.21
C ALA B 73 16.00 -9.08 -16.06
N PHE B 74 14.74 -8.75 -15.90
CA PHE B 74 13.84 -9.36 -14.94
C PHE B 74 12.69 -9.96 -15.72
N MET B 75 12.28 -11.18 -15.32
CA MET B 75 11.11 -11.87 -15.83
C MET B 75 10.24 -12.21 -14.64
N GLY B 76 9.06 -11.62 -14.60
CA GLY B 76 8.12 -11.82 -13.51
C GLY B 76 6.74 -11.37 -13.90
N SER B 77 5.73 -11.77 -13.14
CA SER B 77 4.36 -11.43 -13.45
C SER B 77 3.95 -10.08 -12.88
N MET B 78 3.31 -9.28 -13.73
CA MET B 78 2.78 -7.95 -13.40
C MET B 78 1.48 -7.72 -14.14
N ALA B 79 0.55 -6.98 -13.52
CA ALA B 79 -0.73 -6.62 -14.13
C ALA B 79 -0.71 -5.14 -14.47
N PRO B 80 -1.09 -4.75 -15.72
CA PRO B 80 -1.16 -3.32 -16.06
C PRO B 80 -2.03 -2.58 -15.05
N GLY B 81 -1.48 -1.53 -14.49
CA GLY B 81 -2.12 -0.75 -13.45
C GLY B 81 -1.17 0.25 -12.86
N HIS B 82 -1.50 0.82 -11.72
CA HIS B 82 -0.66 1.86 -11.12
C HIS B 82 0.53 1.32 -10.38
N VAL B 83 0.38 0.13 -9.73
CA VAL B 83 1.40 -0.58 -8.96
C VAL B 83 2.50 -1.06 -9.93
N ALA B 84 2.09 -1.67 -11.08
CA ALA B 84 3.00 -2.11 -12.15
C ALA B 84 3.89 -0.96 -12.61
N ASP B 85 3.28 0.25 -12.72
CA ASP B 85 3.92 1.46 -13.19
C ASP B 85 5.00 1.94 -12.22
N PHE B 86 4.67 2.12 -10.93
CA PHE B 86 5.65 2.52 -9.90
C PHE B 86 6.81 1.52 -9.88
N LEU B 87 6.46 0.20 -9.91
CA LEU B 87 7.43 -0.90 -9.95
C LEU B 87 8.31 -0.86 -11.23
N VAL B 88 7.73 -0.53 -12.40
CA VAL B 88 8.48 -0.42 -13.66
C VAL B 88 9.44 0.79 -13.63
N ALA B 89 9.00 1.89 -13.01
CA ALA B 89 9.86 3.06 -12.91
C ALA B 89 11.02 2.82 -11.90
N ASP B 90 10.85 1.97 -10.88
CA ASP B 90 11.97 1.68 -9.94
C ASP B 90 13.01 0.76 -10.61
N PHE B 91 12.53 -0.22 -11.39
CA PHE B 91 13.38 -1.12 -12.15
C PHE B 91 14.22 -0.30 -13.11
N ARG B 92 13.60 0.70 -13.75
CA ARG B 92 14.25 1.57 -14.74
C ARG B 92 15.24 2.52 -14.06
N ARG B 93 14.86 3.06 -12.88
CA ARG B 93 15.74 3.88 -12.03
C ARG B 93 17.04 3.08 -11.71
N ARG B 94 16.92 1.74 -11.66
CA ARG B 94 18.01 0.85 -11.35
C ARG B 94 18.56 0.12 -12.58
N GLY B 95 18.26 0.58 -13.80
CA GLY B 95 18.77 0.04 -15.07
C GLY B 95 18.38 -1.40 -15.40
N VAL B 96 17.27 -1.88 -14.83
CA VAL B 96 16.76 -3.23 -15.10
C VAL B 96 15.85 -3.21 -16.34
N ASP B 97 16.11 -4.16 -17.28
CA ASP B 97 15.42 -4.41 -18.54
C ASP B 97 14.08 -5.14 -18.25
N VAL B 98 12.96 -4.41 -18.36
CA VAL B 98 11.62 -4.95 -18.07
C VAL B 98 10.90 -5.52 -19.32
N SER B 99 11.65 -5.78 -20.42
CA SER B 99 11.11 -6.31 -21.67
C SER B 99 10.52 -7.73 -21.60
N GLN B 100 10.98 -8.56 -20.63
CA GLN B 100 10.52 -9.95 -20.55
C GLN B 100 9.42 -10.15 -19.57
N VAL B 101 8.90 -9.08 -18.97
CA VAL B 101 7.77 -9.16 -18.01
C VAL B 101 6.55 -9.88 -18.61
N ALA B 102 5.96 -10.77 -17.83
CA ALA B 102 4.78 -11.50 -18.22
C ALA B 102 3.57 -10.74 -17.68
N TRP B 103 3.06 -9.83 -18.53
CA TRP B 103 1.89 -9.02 -18.22
C TRP B 103 0.64 -9.90 -18.20
N GLN B 104 -0.10 -9.85 -17.08
CA GLN B 104 -1.31 -10.62 -16.85
C GLN B 104 -2.58 -9.80 -17.09
N SER B 105 -3.63 -10.47 -17.59
CA SER B 105 -4.94 -9.88 -17.88
C SER B 105 -5.83 -9.86 -16.62
N LYS B 106 -5.68 -10.89 -15.76
CA LYS B 106 -6.38 -11.07 -14.49
C LYS B 106 -5.34 -11.15 -13.34
N GLY B 107 -5.75 -10.70 -12.15
CA GLY B 107 -4.93 -10.71 -10.94
C GLY B 107 -4.46 -9.33 -10.53
N ASP B 108 -3.97 -9.20 -9.28
CA ASP B 108 -3.45 -7.96 -8.70
C ASP B 108 -1.92 -8.01 -8.61
N THR B 109 -1.22 -6.96 -9.12
CA THR B 109 0.25 -6.83 -9.02
C THR B 109 0.57 -6.87 -7.50
N PRO B 110 1.48 -7.78 -7.06
CA PRO B 110 1.74 -7.92 -5.62
C PRO B 110 2.12 -6.62 -4.92
N SER B 111 1.49 -6.40 -3.78
CA SER B 111 1.68 -5.24 -2.92
C SER B 111 1.50 -5.70 -1.49
N SER B 112 2.49 -5.42 -0.62
CA SER B 112 2.46 -5.78 0.80
C SER B 112 2.45 -4.54 1.64
N CYS B 113 1.80 -4.63 2.80
CA CYS B 113 1.75 -3.57 3.77
C CYS B 113 2.55 -4.05 5.02
N CYS B 114 3.59 -3.27 5.42
N CYS B 114 3.58 -3.27 5.42
CA CYS B 114 4.39 -3.55 6.61
CA CYS B 114 4.48 -3.53 6.53
C CYS B 114 4.22 -2.44 7.64
C CYS B 114 4.33 -2.45 7.64
N ILE B 115 4.00 -2.86 8.88
CA ILE B 115 3.84 -1.98 10.04
C ILE B 115 4.99 -2.30 11.01
N ILE B 116 5.87 -1.31 11.21
CA ILE B 116 6.99 -1.45 12.13
C ILE B 116 6.77 -0.58 13.35
N ASN B 117 6.74 -1.23 14.53
CA ASN B 117 6.58 -0.55 15.80
C ASN B 117 7.96 0.04 16.15
N ASN B 118 7.97 1.35 16.50
CA ASN B 118 9.15 2.14 16.87
C ASN B 118 9.80 1.59 18.16
N SER B 119 8.98 1.35 19.21
CA SER B 119 9.44 0.86 20.51
C SER B 119 10.05 -0.57 20.47
N ASN B 120 9.21 -1.63 20.33
CA ASN B 120 9.68 -3.02 20.33
C ASN B 120 10.48 -3.42 19.07
N GLY B 121 10.23 -2.76 17.95
CA GLY B 121 10.92 -3.04 16.70
C GLY B 121 10.31 -4.15 15.86
N ASN B 122 9.17 -4.72 16.32
CA ASN B 122 8.45 -5.82 15.66
C ASN B 122 7.80 -5.41 14.32
N ARG B 123 7.92 -6.31 13.33
CA ARG B 123 7.41 -6.16 11.97
C ARG B 123 6.12 -6.98 11.79
N THR B 124 5.01 -6.26 11.54
CA THR B 124 3.71 -6.87 11.26
C THR B 124 3.51 -6.72 9.74
N ILE B 125 3.22 -7.84 9.03
CA ILE B 125 3.10 -7.82 7.57
C ILE B 125 1.77 -8.40 7.10
N VAL B 126 1.13 -7.72 6.12
CA VAL B 126 -0.12 -8.14 5.49
C VAL B 126 0.31 -8.45 4.04
N LEU B 127 0.69 -9.72 3.79
CA LEU B 127 1.20 -10.19 2.50
C LEU B 127 0.26 -9.99 1.33
N HIS B 128 0.82 -9.80 0.11
CA HIS B 128 0.09 -9.61 -1.14
C HIS B 128 -0.91 -10.76 -1.40
N ASP B 129 -2.04 -10.48 -2.10
CA ASP B 129 -3.03 -11.53 -2.41
C ASP B 129 -2.42 -12.59 -3.32
N THR B 130 -2.98 -13.80 -3.32
CA THR B 130 -2.51 -14.92 -4.13
C THR B 130 -3.09 -14.88 -5.57
N SER B 131 -3.74 -13.76 -5.92
CA SER B 131 -4.51 -13.51 -7.14
C SER B 131 -3.75 -13.48 -8.47
N LEU B 132 -2.51 -12.97 -8.51
CA LEU B 132 -1.82 -12.88 -9.79
C LEU B 132 -1.15 -14.21 -10.17
N PRO B 133 -1.32 -14.70 -11.43
CA PRO B 133 -0.68 -15.97 -11.80
C PRO B 133 0.81 -15.80 -12.03
N ASP B 134 1.62 -16.75 -11.53
CA ASP B 134 3.08 -16.80 -11.68
C ASP B 134 3.43 -17.03 -13.16
N VAL B 135 4.72 -16.87 -13.52
CA VAL B 135 5.22 -17.10 -14.88
C VAL B 135 5.13 -18.61 -15.24
N SER B 136 4.62 -18.92 -16.45
CA SER B 136 4.48 -20.30 -16.89
C SER B 136 5.58 -20.71 -17.85
N ALA B 137 5.63 -22.00 -18.17
CA ALA B 137 6.62 -22.56 -19.04
C ALA B 137 6.25 -22.19 -20.48
N THR B 138 4.95 -21.85 -20.73
CA THR B 138 4.50 -21.38 -22.06
C THR B 138 4.87 -19.92 -22.22
N ASP B 139 4.80 -19.14 -21.11
CA ASP B 139 5.24 -17.75 -21.04
C ASP B 139 6.75 -17.74 -21.34
N PHE B 140 7.50 -18.67 -20.68
CA PHE B 140 8.95 -18.84 -20.84
C PHE B 140 9.37 -19.40 -22.21
N GLU B 141 8.53 -20.24 -22.84
CA GLU B 141 8.75 -20.89 -24.14
C GLU B 141 8.97 -19.86 -25.25
N LYS B 142 8.28 -18.68 -25.13
CA LYS B 142 8.28 -17.58 -26.09
C LYS B 142 9.54 -16.70 -26.05
N VAL B 143 10.41 -16.89 -25.03
CA VAL B 143 11.62 -16.11 -24.82
C VAL B 143 12.81 -16.60 -25.63
N ASP B 144 13.36 -15.74 -26.49
CA ASP B 144 14.57 -16.06 -27.27
C ASP B 144 15.69 -15.88 -26.26
N LEU B 145 16.29 -17.01 -25.87
CA LEU B 145 17.30 -17.06 -24.83
C LEU B 145 18.68 -16.56 -25.23
N THR B 146 18.95 -16.45 -26.52
CA THR B 146 20.28 -16.07 -27.01
C THR B 146 20.87 -14.79 -26.36
N GLN B 147 20.05 -13.84 -25.87
CA GLN B 147 20.62 -12.61 -25.24
C GLN B 147 21.14 -12.84 -23.83
N PHE B 148 20.72 -13.95 -23.19
CA PHE B 148 21.16 -14.35 -21.86
C PHE B 148 22.43 -15.21 -21.86
N LYS B 149 23.26 -14.95 -20.86
CA LYS B 149 24.52 -15.62 -20.62
C LYS B 149 24.41 -16.42 -19.32
N TRP B 150 23.35 -16.12 -18.55
CA TRP B 150 23.07 -16.69 -17.24
C TRP B 150 21.62 -16.40 -16.95
N ILE B 151 20.87 -17.39 -16.45
CA ILE B 151 19.48 -17.29 -16.06
C ILE B 151 19.38 -17.82 -14.63
N HIS B 152 18.83 -16.99 -13.71
CA HIS B 152 18.63 -17.32 -12.32
C HIS B 152 17.15 -17.44 -11.98
N ILE B 153 16.70 -18.62 -11.54
CA ILE B 153 15.30 -18.82 -11.17
C ILE B 153 15.13 -18.87 -9.65
N GLU B 154 14.28 -17.98 -9.13
CA GLU B 154 13.85 -17.92 -7.73
C GLU B 154 12.75 -18.98 -7.63
N GLY B 155 12.87 -19.87 -6.66
CA GLY B 155 11.94 -20.99 -6.50
C GLY B 155 10.56 -20.58 -6.07
N ARG B 156 9.56 -20.84 -6.91
CA ARG B 156 8.17 -20.48 -6.60
C ARG B 156 7.20 -21.55 -7.02
N ASN B 157 6.87 -21.60 -8.32
CA ASN B 157 5.95 -22.55 -8.95
C ASN B 157 6.78 -23.65 -9.63
N ALA B 158 7.34 -24.50 -8.77
CA ALA B 158 8.31 -25.55 -9.07
C ALA B 158 8.02 -26.40 -10.32
N SER B 159 6.81 -27.01 -10.41
CA SER B 159 6.39 -27.86 -11.55
C SER B 159 6.63 -27.13 -12.89
N GLU B 160 6.17 -25.85 -12.99
CA GLU B 160 6.34 -24.97 -14.15
C GLU B 160 7.80 -24.57 -14.42
N GLN B 161 8.52 -24.16 -13.35
CA GLN B 161 9.93 -23.77 -13.40
C GLN B 161 10.83 -24.94 -13.84
N VAL B 162 10.40 -26.20 -13.53
CA VAL B 162 11.13 -27.41 -13.95
C VAL B 162 11.18 -27.52 -15.48
N LYS B 163 10.03 -27.20 -16.16
CA LYS B 163 9.94 -27.21 -17.62
C LYS B 163 10.81 -26.13 -18.21
N MET B 164 10.81 -24.90 -17.55
CA MET B 164 11.67 -23.75 -17.91
C MET B 164 13.11 -24.21 -17.89
N LEU B 165 13.51 -24.83 -16.76
CA LEU B 165 14.87 -25.35 -16.58
C LEU B 165 15.22 -26.41 -17.63
N GLN B 166 14.24 -27.28 -17.99
CA GLN B 166 14.41 -28.28 -19.06
C GLN B 166 14.67 -27.62 -20.44
N ARG B 167 13.95 -26.49 -20.75
CA ARG B 167 14.14 -25.73 -22.01
C ARG B 167 15.55 -25.21 -22.18
N ILE B 168 16.18 -24.69 -21.07
CA ILE B 168 17.56 -24.18 -21.08
C ILE B 168 18.52 -25.35 -21.28
N ASP B 169 18.21 -26.49 -20.65
CA ASP B 169 19.03 -27.70 -20.80
C ASP B 169 19.02 -28.09 -22.27
N ALA B 170 17.81 -28.10 -22.89
CA ALA B 170 17.58 -28.39 -24.30
C ALA B 170 18.34 -27.41 -25.19
N HIS B 171 18.19 -26.10 -24.90
CA HIS B 171 18.88 -25.02 -25.61
C HIS B 171 20.39 -25.24 -25.60
N ASN B 172 20.96 -25.49 -24.40
CA ASN B 172 22.40 -25.66 -24.16
C ASN B 172 23.02 -26.81 -24.91
N THR B 173 22.26 -27.92 -25.02
CA THR B 173 22.62 -29.18 -25.72
C THR B 173 23.17 -28.91 -27.13
N ARG B 174 22.60 -27.94 -27.86
CA ARG B 174 23.02 -27.64 -29.22
C ARG B 174 23.99 -26.42 -29.31
N GLN B 175 24.48 -25.92 -28.16
CA GLN B 175 25.43 -24.80 -28.14
C GLN B 175 26.82 -25.29 -27.79
N PRO B 176 27.89 -24.65 -28.35
CA PRO B 176 29.26 -25.00 -27.93
C PRO B 176 29.49 -24.66 -26.44
N PRO B 177 30.56 -25.16 -25.77
CA PRO B 177 30.73 -24.86 -24.33
C PRO B 177 30.75 -23.38 -23.92
N GLU B 178 31.14 -22.45 -24.84
CA GLU B 178 31.26 -21.02 -24.55
C GLU B 178 29.97 -20.22 -24.84
N GLN B 179 29.02 -20.79 -25.60
CA GLN B 179 27.73 -20.16 -25.89
C GLN B 179 26.63 -20.80 -25.02
N LYS B 180 27.04 -21.44 -23.91
CA LYS B 180 26.14 -22.10 -22.98
C LYS B 180 25.72 -21.16 -21.87
N ILE B 181 24.39 -20.98 -21.72
CA ILE B 181 23.74 -20.20 -20.67
C ILE B 181 23.93 -20.95 -19.34
N ARG B 182 24.63 -20.33 -18.36
CA ARG B 182 24.81 -20.88 -17.01
C ARG B 182 23.51 -20.65 -16.24
N VAL B 183 23.17 -21.52 -15.29
CA VAL B 183 21.88 -21.46 -14.59
C VAL B 183 22.09 -21.59 -13.08
N SER B 184 21.27 -20.86 -12.34
CA SER B 184 21.23 -20.86 -10.90
C SER B 184 19.77 -20.89 -10.41
N VAL B 185 19.57 -21.54 -9.29
CA VAL B 185 18.25 -21.78 -8.70
C VAL B 185 18.32 -21.39 -7.21
N GLU B 186 17.24 -20.75 -6.70
CA GLU B 186 17.13 -20.34 -5.30
C GLU B 186 15.95 -21.06 -4.63
N VAL B 187 16.24 -21.81 -3.55
CA VAL B 187 15.26 -22.55 -2.75
C VAL B 187 15.35 -21.83 -1.42
N GLU B 188 14.52 -20.79 -1.24
CA GLU B 188 14.54 -19.94 -0.04
C GLU B 188 13.37 -20.17 0.92
N LYS B 189 12.26 -20.72 0.43
CA LYS B 189 11.06 -20.98 1.24
C LYS B 189 10.96 -22.50 1.58
N PRO B 190 10.65 -22.85 2.85
CA PRO B 190 10.58 -24.28 3.24
C PRO B 190 9.25 -24.91 2.80
N ARG B 191 9.19 -25.23 1.49
CA ARG B 191 8.02 -25.78 0.81
C ARG B 191 8.49 -26.97 0.03
N GLU B 192 7.93 -28.17 0.33
CA GLU B 192 8.26 -29.46 -0.29
C GLU B 192 8.40 -29.38 -1.81
N GLU B 193 7.43 -28.69 -2.47
CA GLU B 193 7.37 -28.46 -3.92
C GLU B 193 8.72 -28.03 -4.47
N LEU B 194 9.37 -27.10 -3.78
CA LEU B 194 10.65 -26.50 -4.17
C LEU B 194 11.84 -27.42 -4.08
N PHE B 195 11.77 -28.45 -3.26
CA PHE B 195 12.89 -29.35 -3.05
C PHE B 195 13.26 -30.15 -4.32
N GLN B 196 12.39 -30.12 -5.34
CA GLN B 196 12.66 -30.75 -6.63
C GLN B 196 13.60 -29.89 -7.50
N LEU B 197 13.66 -28.58 -7.19
CA LEU B 197 14.47 -27.63 -7.94
C LEU B 197 15.96 -27.83 -7.71
N PHE B 198 16.34 -28.60 -6.65
CA PHE B 198 17.72 -28.91 -6.26
C PHE B 198 18.48 -29.62 -7.38
N GLY B 199 17.78 -30.49 -8.13
CA GLY B 199 18.35 -31.24 -9.24
C GLY B 199 18.59 -30.48 -10.53
N TYR B 200 18.42 -29.15 -10.48
CA TYR B 200 18.57 -28.25 -11.62
C TYR B 200 19.59 -27.15 -11.42
N GLY B 201 20.17 -26.70 -12.52
CA GLY B 201 21.14 -25.62 -12.50
C GLY B 201 22.55 -26.03 -12.13
N ASP B 202 23.48 -25.15 -12.49
CA ASP B 202 24.92 -25.22 -12.26
C ASP B 202 25.26 -24.77 -10.83
N VAL B 203 24.44 -23.84 -10.28
CA VAL B 203 24.55 -23.29 -8.93
C VAL B 203 23.18 -23.38 -8.26
N VAL B 204 23.13 -23.91 -7.04
CA VAL B 204 21.93 -24.06 -6.26
C VAL B 204 22.14 -23.30 -4.94
N PHE B 205 21.25 -22.37 -4.62
CA PHE B 205 21.35 -21.64 -3.37
C PHE B 205 20.26 -22.14 -2.43
N VAL B 206 20.69 -22.51 -1.22
CA VAL B 206 19.78 -22.96 -0.18
C VAL B 206 19.89 -21.98 1.00
N SER B 207 18.73 -21.60 1.57
CA SER B 207 18.68 -20.64 2.65
C SER B 207 18.94 -21.28 4.02
N LYS B 208 19.38 -20.49 5.02
CA LYS B 208 19.58 -20.95 6.40
C LYS B 208 18.24 -21.51 6.91
N ASP B 209 17.15 -20.74 6.73
CA ASP B 209 15.78 -21.08 7.11
C ASP B 209 15.30 -22.40 6.46
N VAL B 210 15.57 -22.65 5.17
CA VAL B 210 15.21 -23.93 4.52
C VAL B 210 16.00 -25.05 5.16
N ALA B 211 17.33 -24.87 5.30
CA ALA B 211 18.25 -25.83 5.94
C ALA B 211 17.81 -26.18 7.36
N LYS B 212 17.55 -25.18 8.20
CA LYS B 212 17.08 -25.30 9.57
C LYS B 212 15.81 -26.16 9.65
N HIS B 213 14.86 -25.96 8.69
CA HIS B 213 13.59 -26.71 8.60
C HIS B 213 13.82 -28.17 8.30
N LEU B 214 14.88 -28.47 7.53
CA LEU B 214 15.27 -29.84 7.20
C LEU B 214 16.09 -30.48 8.33
N GLY B 215 16.32 -29.70 9.39
CA GLY B 215 17.02 -30.15 10.59
C GLY B 215 18.54 -30.13 10.52
N PHE B 216 19.10 -29.01 10.09
CA PHE B 216 20.53 -28.83 10.00
C PHE B 216 20.87 -27.62 10.86
N GLN B 217 21.84 -27.80 11.74
CA GLN B 217 22.28 -26.79 12.70
C GLN B 217 23.44 -25.90 12.18
N SER B 218 23.98 -26.19 10.97
CA SER B 218 25.06 -25.41 10.34
C SER B 218 25.02 -25.53 8.83
N ALA B 219 25.73 -24.61 8.12
CA ALA B 219 25.88 -24.58 6.66
C ALA B 219 26.70 -25.80 6.22
N GLU B 220 27.59 -26.32 7.08
CA GLU B 220 28.38 -27.53 6.82
C GLU B 220 27.44 -28.75 6.75
N GLU B 221 26.56 -28.91 7.76
CA GLU B 221 25.56 -29.97 7.87
C GLU B 221 24.56 -29.91 6.69
N ALA B 222 24.16 -28.70 6.30
CA ALA B 222 23.23 -28.50 5.20
C ALA B 222 23.87 -28.94 3.88
N LEU B 223 25.03 -28.37 3.52
CA LEU B 223 25.70 -28.72 2.27
C LEU B 223 25.97 -30.20 2.14
N ARG B 224 26.66 -30.80 3.13
CA ARG B 224 27.01 -32.22 3.17
C ARG B 224 25.80 -33.12 3.07
N GLY B 225 24.74 -32.77 3.81
CA GLY B 225 23.48 -33.49 3.84
C GLY B 225 22.58 -33.34 2.63
N LEU B 226 22.67 -32.20 1.91
CA LEU B 226 21.82 -31.93 0.73
C LEU B 226 22.51 -32.04 -0.62
N TYR B 227 23.86 -32.24 -0.66
CA TYR B 227 24.56 -32.30 -1.95
C TYR B 227 24.06 -33.43 -2.86
N GLY B 228 23.55 -34.51 -2.26
CA GLY B 228 23.00 -35.64 -2.99
C GLY B 228 21.79 -35.30 -3.83
N ARG B 229 21.09 -34.20 -3.47
CA ARG B 229 19.90 -33.74 -4.17
C ARG B 229 20.22 -32.99 -5.48
N VAL B 230 21.49 -32.58 -5.70
CA VAL B 230 21.92 -31.80 -6.88
C VAL B 230 22.40 -32.68 -8.04
N ARG B 231 22.40 -32.11 -9.27
N ARG B 231 22.38 -32.12 -9.27
CA ARG B 231 22.87 -32.76 -10.49
CA ARG B 231 22.85 -32.82 -10.46
C ARG B 231 24.40 -32.83 -10.53
C ARG B 231 24.39 -32.82 -10.55
N LYS B 232 24.96 -33.72 -11.37
CA LYS B 232 26.42 -33.89 -11.54
C LYS B 232 27.11 -32.62 -12.00
N GLY B 233 28.11 -32.22 -11.21
CA GLY B 233 28.94 -31.05 -11.46
C GLY B 233 28.42 -29.74 -10.90
N ALA B 234 27.28 -29.79 -10.18
CA ALA B 234 26.67 -28.60 -9.60
C ALA B 234 27.35 -28.15 -8.30
N VAL B 235 27.19 -26.85 -7.96
CA VAL B 235 27.73 -26.23 -6.75
C VAL B 235 26.53 -25.85 -5.88
N LEU B 236 26.48 -26.38 -4.65
CA LEU B 236 25.44 -26.11 -3.67
C LEU B 236 26.00 -25.06 -2.68
N VAL B 237 25.36 -23.87 -2.61
CA VAL B 237 25.75 -22.70 -1.81
C VAL B 237 24.73 -22.51 -0.64
N CYS B 238 25.24 -22.25 0.59
CA CYS B 238 24.44 -21.97 1.79
C CYS B 238 25.09 -20.86 2.61
N ALA B 239 24.35 -19.74 2.80
CA ALA B 239 24.80 -18.65 3.64
C ALA B 239 24.14 -18.83 5.02
N TRP B 240 24.82 -18.37 6.08
CA TRP B 240 24.39 -18.52 7.49
C TRP B 240 24.56 -17.21 8.27
N ALA B 241 24.15 -16.10 7.61
CA ALA B 241 24.14 -14.75 8.16
C ALA B 241 25.53 -14.36 8.69
N GLU B 242 25.66 -14.04 10.01
CA GLU B 242 26.90 -13.67 10.71
C GLU B 242 28.02 -14.71 10.60
N GLU B 243 27.65 -15.98 10.29
CA GLU B 243 28.60 -17.07 10.17
C GLU B 243 29.16 -17.25 8.76
N GLY B 244 28.85 -16.29 7.87
CA GLY B 244 29.33 -16.27 6.49
C GLY B 244 28.60 -17.21 5.56
N ALA B 245 29.34 -17.81 4.62
CA ALA B 245 28.73 -18.73 3.66
C ALA B 245 29.64 -19.86 3.27
N ASP B 246 29.03 -20.96 2.85
CA ASP B 246 29.73 -22.15 2.35
C ASP B 246 29.37 -22.49 0.90
N ALA B 247 30.24 -23.22 0.25
CA ALA B 247 29.99 -23.72 -1.08
C ALA B 247 30.61 -25.12 -1.17
N LEU B 248 29.90 -26.04 -1.80
CA LEU B 248 30.33 -27.43 -1.97
C LEU B 248 30.02 -27.92 -3.36
N GLY B 249 31.09 -28.27 -4.09
CA GLY B 249 31.03 -28.73 -5.47
C GLY B 249 31.27 -30.21 -5.69
N PRO B 250 31.46 -30.60 -6.97
CA PRO B 250 31.64 -32.03 -7.27
C PRO B 250 32.91 -32.65 -6.66
N ASP B 251 33.94 -31.81 -6.35
CA ASP B 251 35.21 -32.24 -5.73
C ASP B 251 35.09 -32.69 -4.28
N GLY B 252 34.01 -32.29 -3.61
CA GLY B 252 33.76 -32.66 -2.22
C GLY B 252 34.49 -31.80 -1.21
N LYS B 253 35.27 -30.84 -1.70
CA LYS B 253 36.00 -29.89 -0.85
C LYS B 253 35.00 -28.78 -0.41
N LEU B 254 34.69 -28.75 0.88
CA LEU B 254 33.81 -27.75 1.48
C LEU B 254 34.57 -26.44 1.58
N LEU B 255 34.02 -25.40 0.95
CA LEU B 255 34.64 -24.09 0.94
C LEU B 255 33.85 -23.19 1.85
N HIS B 256 34.53 -22.20 2.41
CA HIS B 256 33.92 -21.28 3.36
C HIS B 256 34.53 -19.88 3.25
N SER B 257 33.66 -18.87 3.45
CA SER B 257 34.07 -17.49 3.62
C SER B 257 33.39 -17.00 4.89
N ASP B 258 34.14 -16.27 5.68
CA ASP B 258 33.61 -15.69 6.90
C ASP B 258 32.89 -14.44 6.47
N ALA B 259 31.83 -14.04 7.18
CA ALA B 259 31.13 -12.82 6.85
C ALA B 259 32.07 -11.62 7.08
N PHE B 260 31.77 -10.52 6.36
CA PHE B 260 32.46 -9.24 6.46
C PHE B 260 31.43 -8.27 7.05
N PRO B 261 31.11 -8.37 8.37
CA PRO B 261 30.08 -7.49 8.93
C PRO B 261 30.39 -6.00 8.88
N PRO B 262 29.35 -5.14 8.82
CA PRO B 262 29.61 -3.69 8.80
C PRO B 262 29.87 -3.18 10.22
N PRO B 263 30.50 -1.98 10.38
CA PRO B 263 30.74 -1.44 11.73
C PRO B 263 29.48 -1.38 12.62
N ARG B 264 28.33 -1.14 11.99
CA ARG B 264 27.01 -1.12 12.60
C ARG B 264 26.08 -1.69 11.57
N VAL B 265 25.07 -2.48 12.02
CA VAL B 265 24.08 -3.10 11.15
C VAL B 265 22.80 -2.26 11.09
N VAL B 266 22.47 -1.79 9.87
CA VAL B 266 21.37 -0.88 9.55
C VAL B 266 20.16 -1.57 8.91
N ASP B 267 20.40 -2.36 7.84
CA ASP B 267 19.33 -2.99 7.06
C ASP B 267 19.75 -4.32 6.42
N THR B 268 19.31 -5.46 7.02
CA THR B 268 19.58 -6.81 6.49
C THR B 268 18.57 -7.24 5.44
N LEU B 269 17.54 -6.41 5.18
CA LEU B 269 16.54 -6.74 4.18
C LEU B 269 17.10 -6.63 2.77
N GLY B 270 17.22 -7.79 2.11
CA GLY B 270 17.74 -7.93 0.75
C GLY B 270 19.20 -8.32 0.74
N ALA B 271 19.72 -8.70 1.91
CA ALA B 271 21.12 -9.12 2.10
C ALA B 271 21.39 -10.49 1.46
N GLY B 272 20.41 -11.38 1.48
CA GLY B 272 20.47 -12.68 0.81
C GLY B 272 20.49 -12.54 -0.70
N ASP B 273 19.67 -11.60 -1.19
CA ASP B 273 19.51 -11.27 -2.60
C ASP B 273 20.77 -10.64 -3.18
N THR B 274 21.48 -9.87 -2.30
CA THR B 274 22.76 -9.19 -2.58
C THR B 274 23.85 -10.26 -2.69
N PHE B 275 23.80 -11.27 -1.81
CA PHE B 275 24.72 -12.39 -1.79
C PHE B 275 24.56 -13.22 -3.08
N ASN B 276 23.32 -13.59 -3.40
CA ASN B 276 22.98 -14.39 -4.56
C ASN B 276 23.47 -13.74 -5.84
N ALA B 277 23.14 -12.44 -6.01
CA ALA B 277 23.48 -11.64 -7.18
C ALA B 277 24.98 -11.52 -7.34
N SER B 278 25.73 -11.25 -6.24
CA SER B 278 27.20 -11.13 -6.21
C SER B 278 27.90 -12.46 -6.51
N VAL B 279 27.40 -13.61 -5.96
CA VAL B 279 27.97 -14.94 -6.30
C VAL B 279 27.76 -15.14 -7.82
N ILE B 280 26.50 -14.95 -8.33
CA ILE B 280 26.17 -15.08 -9.76
C ILE B 280 27.12 -14.22 -10.59
N PHE B 281 27.28 -12.91 -10.23
CA PHE B 281 28.13 -11.98 -10.95
C PHE B 281 29.56 -12.47 -11.08
N SER B 282 30.23 -12.73 -9.91
CA SER B 282 31.59 -13.22 -9.78
C SER B 282 31.77 -14.52 -10.61
N LEU B 283 30.83 -15.50 -10.49
CA LEU B 283 30.90 -16.71 -11.28
C LEU B 283 30.80 -16.39 -12.78
N SER B 284 29.83 -15.52 -13.17
CA SER B 284 29.64 -15.09 -14.55
C SER B 284 30.85 -14.31 -15.10
N GLN B 285 31.67 -13.75 -14.20
CA GLN B 285 32.90 -13.03 -14.55
C GLN B 285 34.12 -13.98 -14.64
N GLY B 286 33.85 -15.28 -14.55
CA GLY B 286 34.86 -16.33 -14.65
C GLY B 286 35.67 -16.57 -13.39
N ARG B 287 35.23 -16.04 -12.24
CA ARG B 287 36.00 -16.19 -11.01
C ARG B 287 35.74 -17.55 -10.34
N SER B 288 36.62 -17.94 -9.40
CA SER B 288 36.53 -19.21 -8.68
C SER B 288 35.33 -19.24 -7.73
N VAL B 289 34.97 -20.42 -7.27
CA VAL B 289 33.87 -20.54 -6.33
C VAL B 289 34.26 -19.92 -4.97
N GLN B 290 35.57 -20.03 -4.61
CA GLN B 290 36.12 -19.44 -3.41
C GLN B 290 36.07 -17.91 -3.56
N GLU B 291 36.48 -17.40 -4.73
CA GLU B 291 36.45 -15.97 -5.03
C GLU B 291 34.99 -15.44 -4.97
N ALA B 292 34.01 -16.20 -5.57
CA ALA B 292 32.57 -15.87 -5.60
C ALA B 292 31.94 -15.81 -4.21
N LEU B 293 32.28 -16.78 -3.35
CA LEU B 293 31.84 -16.89 -1.96
C LEU B 293 32.34 -15.66 -1.20
N ARG B 294 33.62 -15.31 -1.39
CA ARG B 294 34.27 -14.16 -0.73
C ARG B 294 33.55 -12.86 -1.14
N PHE B 295 33.52 -12.59 -2.46
CA PHE B 295 32.85 -11.46 -3.06
C PHE B 295 31.38 -11.29 -2.60
N GLY B 296 30.61 -12.38 -2.61
CA GLY B 296 29.22 -12.40 -2.17
C GLY B 296 29.07 -12.00 -0.71
N CYS B 297 30.03 -12.47 0.12
CA CYS B 297 30.10 -12.16 1.56
C CYS B 297 30.53 -10.73 1.78
N GLN B 298 31.41 -10.21 0.92
CA GLN B 298 31.87 -8.83 1.03
C GLN B 298 30.72 -7.88 0.69
N VAL B 299 30.14 -7.97 -0.55
CA VAL B 299 29.02 -7.14 -1.03
C VAL B 299 27.83 -7.20 -0.09
N ALA B 300 27.41 -8.42 0.32
CA ALA B 300 26.29 -8.62 1.27
C ALA B 300 26.53 -7.97 2.65
N GLY B 301 27.79 -7.92 3.08
CA GLY B 301 28.24 -7.33 4.34
C GLY B 301 28.10 -5.82 4.35
N LYS B 302 28.56 -5.17 3.27
CA LYS B 302 28.48 -3.74 3.05
C LYS B 302 27.01 -3.26 2.99
N LYS B 303 26.12 -4.08 2.41
CA LYS B 303 24.70 -3.78 2.30
C LYS B 303 24.03 -3.73 3.69
N CYS B 304 24.45 -4.60 4.61
CA CYS B 304 23.85 -4.68 5.95
C CYS B 304 24.03 -3.41 6.78
N GLY B 305 25.05 -2.60 6.51
CA GLY B 305 25.26 -1.37 7.24
C GLY B 305 24.79 -0.15 6.49
N LEU B 306 23.93 -0.40 5.50
CA LEU B 306 23.41 0.60 4.58
C LEU B 306 21.92 0.49 4.45
N GLN B 307 21.24 1.61 4.24
CA GLN B 307 19.80 1.62 4.02
C GLN B 307 19.60 1.44 2.49
N GLY B 308 18.93 0.37 2.11
CA GLY B 308 18.70 0.01 0.72
C GLY B 308 19.94 -0.53 0.04
N PHE B 309 20.06 -0.23 -1.25
CA PHE B 309 21.15 -0.70 -2.11
C PHE B 309 22.03 0.43 -2.65
N ASP B 310 21.78 1.67 -2.21
CA ASP B 310 22.46 2.85 -2.72
C ASP B 310 23.98 2.72 -2.84
N GLY B 311 24.71 2.53 -1.74
CA GLY B 311 26.16 2.48 -1.87
C GLY B 311 26.87 1.17 -1.69
N ILE B 312 26.25 0.05 -2.08
CA ILE B 312 26.78 -1.32 -1.90
C ILE B 312 28.07 -1.60 -2.68
N VAL B 313 28.32 -0.87 -3.79
CA VAL B 313 29.52 -0.99 -4.64
C VAL B 313 30.25 0.35 -4.64
#